data_9C6V
#
_entry.id   9C6V
#
_cell.length_a   74.954
_cell.length_b   83.450
_cell.length_c   148.638
_cell.angle_alpha   90.00
_cell.angle_beta   90.00
_cell.angle_gamma   90.00
#
_symmetry.space_group_name_H-M   'C 2 2 21'
#
loop_
_entity.id
_entity.type
_entity.pdbx_description
1 polymer 'NACHT, LRR and PYD domains-containing protein 2,Beta-2-microglobulin,MHC class I antigen'
2 non-polymer 1,2-ETHANEDIOL
3 non-polymer GLYCEROL
4 non-polymer 'CHLORIDE ION'
5 water water
#
_entity_poly.entity_id   1
_entity_poly.type   'polypeptide(L)'
_entity_poly.pdbx_seq_one_letter_code
;NRVMLPKAAGCGASGGGGSGGGGSMIQRTPKIQVYSRHPAENGKSNFLNCYVSGFHPSDIEVDLLKNGERIEKVEHSDLS
FSKDWSFYLLYYTEFTPTEKDEYACRVNHVTLSQPKIVKWDRDMGGGGSGGGGSGGGGSGGGGSGSHSMRYFYTSVSRPG
RGEPRFISVGYVDDTQFVRFDSDAASPREEPRAPWIEQEGPEYWDRNTQICKTNTQTDRESLRNLRGCYNQSEAGSHTWQ
TMYGCDVGPDGRLLRGHNQFAYDGKDYIALNEDLSSWTAADTAAQITQRKWEAARVAEQLRTYLEGTCVEWLRRYLENGK
ETLQRADPPKTHVTHHPISDHEATLRCWALGFYPAEITLTWQRDGEDQTQDTELVETRPAGDRTFQKWAAVVVPSGEEQR
YTCHVQHEGLPKPLTLRWE
;
_entity_poly.pdbx_strand_id   A
#
loop_
_chem_comp.id
_chem_comp.type
_chem_comp.name
_chem_comp.formula
CL non-polymer 'CHLORIDE ION' 'Cl -1'
EDO non-polymer 1,2-ETHANEDIOL 'C2 H6 O2'
GOL non-polymer GLYCEROL 'C3 H8 O3'
#
# COMPACT_ATOMS: atom_id res chain seq x y z
N ASN A 1 0.88 -8.47 -16.60
CA ASN A 1 1.73 -7.94 -17.71
C ASN A 1 1.50 -6.43 -17.96
N ARG A 2 2.59 -5.69 -18.15
CA ARG A 2 2.55 -4.23 -18.09
C ARG A 2 2.15 -3.59 -19.41
N VAL A 3 1.96 -2.27 -19.37
CA VAL A 3 1.73 -1.45 -20.55
C VAL A 3 2.72 -0.29 -20.55
N MET A 4 3.11 0.15 -21.76
CA MET A 4 3.94 1.35 -21.85
C MET A 4 3.08 2.59 -21.61
N LEU A 5 3.56 3.47 -20.72
CA LEU A 5 2.82 4.64 -20.26
C LEU A 5 3.22 5.89 -21.02
N PRO A 6 2.32 6.89 -21.06
CA PRO A 6 2.61 8.15 -21.74
C PRO A 6 3.39 9.11 -20.85
N LYS A 7 3.88 10.16 -21.50
CA LYS A 7 4.73 11.18 -20.87
C LYS A 7 3.89 12.43 -20.58
N ALA A 8 4.00 12.96 -19.37
CA ALA A 8 3.37 14.24 -19.07
C ALA A 8 3.92 15.33 -19.99
N ALA A 9 3.04 16.25 -20.40
CA ALA A 9 3.40 17.27 -21.38
C ALA A 9 4.18 18.41 -20.75
N GLY A 10 5.15 18.94 -21.51
CA GLY A 10 5.77 20.19 -21.14
C GLY A 10 4.85 21.37 -21.42
N CYS A 11 5.09 22.46 -20.71
CA CYS A 11 4.24 23.62 -20.81
C CYS A 11 4.95 24.73 -21.59
N GLY A 20 0.73 26.71 -15.73
CA GLY A 20 0.77 27.83 -14.80
C GLY A 20 0.77 27.41 -13.34
N GLY A 21 1.08 28.38 -12.47
CA GLY A 21 1.11 28.14 -11.04
C GLY A 21 2.51 27.83 -10.54
N GLY A 22 2.64 27.72 -9.21
CA GLY A 22 3.93 27.35 -8.60
C GLY A 22 3.85 25.96 -8.01
N GLY A 23 2.67 25.35 -8.09
CA GLY A 23 2.46 23.98 -7.60
C GLY A 23 1.90 23.92 -6.21
N SER A 24 2.36 22.95 -5.40
CA SER A 24 1.94 22.73 -3.99
C SER A 24 2.48 21.34 -3.64
N MET A 25 2.95 21.16 -2.43
CA MET A 25 3.44 19.83 -2.00
CA MET A 25 3.45 19.83 -1.99
C MET A 25 2.84 19.23 -0.68
N ILE A 26 2.28 18.05 -0.86
CA ILE A 26 1.66 17.41 0.33
C ILE A 26 2.72 16.64 1.11
N GLN A 27 2.81 16.89 2.41
CA GLN A 27 3.67 16.09 3.26
C GLN A 27 2.82 15.33 4.28
N ARG A 28 3.14 14.06 4.50
CA ARG A 28 2.41 13.25 5.45
C ARG A 28 3.42 12.55 6.36
N THR A 29 3.20 12.65 7.67
CA THR A 29 4.13 12.01 8.59
C THR A 29 3.75 10.53 8.77
N PRO A 30 4.74 9.64 8.95
CA PRO A 30 4.41 8.21 9.00
C PRO A 30 3.60 7.79 10.23
N LYS A 31 2.59 6.98 9.99
CA LYS A 31 1.98 6.18 11.03
C LYS A 31 2.87 4.96 11.27
N ILE A 32 3.06 4.60 12.54
CA ILE A 32 4.04 3.58 12.89
C ILE A 32 3.35 2.54 13.75
N GLN A 33 3.50 1.25 13.38
CA GLN A 33 3.01 0.15 14.20
C GLN A 33 4.12 -0.89 14.37
N VAL A 34 4.34 -1.32 15.62
CA VAL A 34 5.34 -2.33 15.94
C VAL A 34 4.62 -3.50 16.61
N TYR A 35 4.85 -4.70 16.10
CA TYR A 35 4.04 -5.86 16.47
C TYR A 35 4.73 -7.13 15.99
N SER A 36 4.33 -8.27 16.55
CA SER A 36 4.83 -9.55 16.10
C SER A 36 3.87 -10.20 15.11
N ARG A 37 4.41 -11.09 14.27
CA ARG A 37 3.59 -11.75 13.26
C ARG A 37 2.50 -12.60 13.90
N HIS A 38 2.87 -13.41 14.88
CA HIS A 38 1.97 -14.24 15.65
C HIS A 38 1.93 -13.77 17.09
N PRO A 39 0.90 -14.14 17.86
CA PRO A 39 0.90 -13.81 19.30
C PRO A 39 2.17 -14.35 19.95
N ALA A 40 2.91 -13.46 20.61
CA ALA A 40 4.26 -13.79 21.04
C ALA A 40 4.25 -14.69 22.27
N GLU A 41 5.08 -15.73 22.21
CA GLU A 41 5.29 -16.64 23.33
C GLU A 41 6.79 -16.81 23.54
N ASN A 42 7.26 -16.50 24.74
CA ASN A 42 8.69 -16.54 25.05
C ASN A 42 9.28 -17.89 24.69
N GLY A 43 10.45 -17.86 24.05
CA GLY A 43 11.13 -19.07 23.64
C GLY A 43 10.75 -19.60 22.27
N LYS A 44 9.71 -19.06 21.66
CA LYS A 44 9.23 -19.52 20.36
C LYS A 44 9.67 -18.53 19.28
N SER A 45 10.25 -19.04 18.20
CA SER A 45 10.70 -18.19 17.11
C SER A 45 9.51 -17.52 16.45
N ASN A 46 9.74 -16.30 15.95
CA ASN A 46 8.66 -15.40 15.56
C ASN A 46 9.25 -14.36 14.60
N PHE A 47 8.45 -13.35 14.25
CA PHE A 47 8.92 -12.21 13.49
C PHE A 47 8.47 -10.91 14.15
N LEU A 48 9.37 -9.93 14.22
CA LEU A 48 9.07 -8.61 14.75
C LEU A 48 8.89 -7.63 13.60
N ASN A 49 7.75 -6.96 13.55
CA ASN A 49 7.36 -6.10 12.44
C ASN A 49 7.35 -4.64 12.85
N CYS A 50 7.83 -3.78 11.96
CA CYS A 50 7.57 -2.35 12.05
C CYS A 50 6.96 -1.91 10.72
N TYR A 51 5.69 -1.54 10.76
CA TYR A 51 4.96 -1.12 9.58
C TYR A 51 4.84 0.39 9.61
N VAL A 52 5.39 1.06 8.60
CA VAL A 52 5.28 2.51 8.46
C VAL A 52 4.41 2.79 7.25
N SER A 53 3.39 3.62 7.43
CA SER A 53 2.42 3.82 6.36
C SER A 53 1.93 5.26 6.35
N GLY A 54 1.22 5.60 5.28
CA GLY A 54 0.62 6.92 5.18
C GLY A 54 1.59 8.08 5.11
N PHE A 55 2.79 7.88 4.59
CA PHE A 55 3.77 8.96 4.58
C PHE A 55 4.06 9.46 3.16
N HIS A 56 4.55 10.68 3.11
CA HIS A 56 4.98 11.34 1.88
C HIS A 56 5.89 12.50 2.27
N PRO A 57 7.06 12.68 1.62
CA PRO A 57 7.59 11.90 0.48
C PRO A 57 8.16 10.56 0.91
N SER A 58 8.78 9.83 -0.02
CA SER A 58 9.07 8.42 0.20
C SER A 58 10.36 8.16 0.97
N ASP A 59 11.29 9.11 1.00
CA ASP A 59 12.54 8.88 1.73
C ASP A 59 12.24 8.71 3.22
N ILE A 60 12.71 7.60 3.78
CA ILE A 60 12.43 7.28 5.17
C ILE A 60 13.55 6.41 5.71
N GLU A 61 13.77 6.48 7.02
CA GLU A 61 14.78 5.68 7.69
C GLU A 61 14.09 4.93 8.81
N VAL A 62 14.20 3.60 8.81
CA VAL A 62 13.55 2.76 9.82
C VAL A 62 14.58 1.77 10.35
N ASP A 63 14.69 1.69 11.68
CA ASP A 63 15.53 0.73 12.37
C ASP A 63 14.71 0.00 13.42
N LEU A 64 14.98 -1.29 13.57
CA LEU A 64 14.47 -2.06 14.70
C LEU A 64 15.54 -2.10 15.78
N LEU A 65 15.14 -1.88 17.03
CA LEU A 65 16.07 -1.86 18.15
C LEU A 65 15.82 -3.05 19.06
N LYS A 66 16.90 -3.62 19.59
CA LYS A 66 16.87 -4.69 20.59
C LYS A 66 17.66 -4.18 21.80
N ASN A 67 16.95 -3.91 22.89
CA ASN A 67 17.54 -3.28 24.07
C ASN A 67 18.31 -2.02 23.69
N GLY A 68 17.65 -1.18 22.90
CA GLY A 68 18.22 0.07 22.44
C GLY A 68 19.28 -0.05 21.37
N GLU A 69 19.75 -1.25 21.07
CA GLU A 69 20.75 -1.45 20.04
C GLU A 69 20.06 -1.74 18.71
N ARG A 70 20.46 -1.03 17.66
CA ARG A 70 19.91 -1.26 16.34
C ARG A 70 20.19 -2.70 15.91
N ILE A 71 19.15 -3.38 15.44
CA ILE A 71 19.28 -4.75 14.94
C ILE A 71 19.83 -4.70 13.53
N GLU A 72 20.82 -5.55 13.25
CA GLU A 72 21.30 -5.68 11.89
C GLU A 72 20.46 -6.71 11.14
N LYS A 73 20.61 -6.72 9.81
CA LYS A 73 19.97 -7.73 8.96
C LYS A 73 18.45 -7.66 9.02
N VAL A 74 17.91 -6.47 9.25
CA VAL A 74 16.47 -6.24 9.09
C VAL A 74 16.17 -6.16 7.61
N GLU A 75 15.09 -6.81 7.17
CA GLU A 75 14.65 -6.72 5.80
C GLU A 75 13.41 -5.83 5.72
N HIS A 76 13.09 -5.42 4.50
CA HIS A 76 11.91 -4.59 4.32
C HIS A 76 11.25 -4.90 2.98
N SER A 77 9.99 -4.53 2.88
CA SER A 77 9.21 -4.74 1.68
C SER A 77 9.59 -3.73 0.60
N ASP A 78 9.08 -3.97 -0.60
CA ASP A 78 9.27 -3.04 -1.71
C ASP A 78 8.30 -1.88 -1.63
N LEU A 79 8.81 -0.68 -1.90
CA LEU A 79 8.04 0.56 -1.82
C LEU A 79 6.77 0.47 -2.64
N SER A 80 5.62 0.72 -1.98
CA SER A 80 4.34 0.78 -2.66
C SER A 80 3.53 1.88 -1.99
N PHE A 81 2.31 2.10 -2.48
CA PHE A 81 1.52 3.20 -1.94
C PHE A 81 0.04 2.86 -1.99
N SER A 82 -0.73 3.61 -1.20
CA SER A 82 -2.16 3.41 -1.02
C SER A 82 -2.93 4.30 -2.00
N LYS A 83 -4.27 4.21 -1.97
CA LYS A 83 -5.06 4.94 -2.95
C LYS A 83 -4.91 6.44 -2.81
N ASP A 84 -4.58 6.94 -1.61
CA ASP A 84 -4.35 8.36 -1.42
C ASP A 84 -2.93 8.79 -1.78
N TRP A 85 -2.15 7.90 -2.40
CA TRP A 85 -0.80 8.10 -2.89
C TRP A 85 0.23 8.02 -1.77
N SER A 86 -0.18 7.82 -0.52
CA SER A 86 0.81 7.75 0.54
C SER A 86 1.51 6.40 0.57
N PHE A 87 2.77 6.41 0.99
CA PHE A 87 3.63 5.23 0.90
C PHE A 87 3.47 4.33 2.11
N TYR A 88 3.83 3.05 1.93
CA TYR A 88 3.94 2.15 3.07
C TYR A 88 5.07 1.16 2.85
N LEU A 89 5.69 0.75 3.96
CA LEU A 89 6.80 -0.21 4.00
C LEU A 89 6.68 -1.05 5.27
N LEU A 90 7.00 -2.34 5.15
CA LEU A 90 7.13 -3.23 6.30
C LEU A 90 8.59 -3.57 6.51
N TYR A 91 9.10 -3.32 7.72
CA TYR A 91 10.42 -3.75 8.16
C TYR A 91 10.26 -4.88 9.17
N TYR A 92 11.08 -5.91 9.06
CA TYR A 92 10.82 -7.11 9.85
C TYR A 92 12.12 -7.87 10.08
N THR A 93 12.13 -8.66 11.15
CA THR A 93 13.26 -9.50 11.46
C THR A 93 12.78 -10.71 12.24
N GLU A 94 13.41 -11.86 11.97
CA GLU A 94 13.18 -13.06 12.75
C GLU A 94 13.75 -12.87 14.16
N PHE A 95 13.01 -13.33 15.17
CA PHE A 95 13.50 -13.19 16.53
C PHE A 95 12.79 -14.17 17.44
N THR A 96 13.36 -14.31 18.64
CA THR A 96 12.75 -15.08 19.73
C THR A 96 12.57 -14.17 20.93
N PRO A 97 11.35 -13.77 21.26
CA PRO A 97 11.16 -12.84 22.38
C PRO A 97 11.35 -13.52 23.74
N THR A 98 11.67 -12.69 24.73
CA THR A 98 11.67 -13.11 26.13
C THR A 98 10.73 -12.21 26.93
N GLU A 99 10.82 -12.26 28.26
CA GLU A 99 9.96 -11.46 29.11
C GLU A 99 10.55 -10.11 29.49
N LYS A 100 11.87 -9.93 29.32
CA LYS A 100 12.49 -8.63 29.56
C LYS A 100 13.33 -8.11 28.40
N ASP A 101 13.69 -8.94 27.43
CA ASP A 101 14.34 -8.45 26.21
C ASP A 101 13.43 -7.45 25.52
N GLU A 102 13.98 -6.28 25.18
CA GLU A 102 13.23 -5.12 24.73
C GLU A 102 13.38 -4.87 23.24
N TYR A 103 12.28 -4.49 22.58
CA TYR A 103 12.27 -4.25 21.14
C TYR A 103 11.49 -2.98 20.84
N ALA A 104 11.91 -2.26 19.78
CA ALA A 104 11.25 -1.01 19.41
C ALA A 104 11.57 -0.70 17.95
N CYS A 105 10.95 0.36 17.44
CA CYS A 105 11.17 0.84 16.08
C CYS A 105 11.46 2.33 16.08
N ARG A 106 12.49 2.74 15.33
CA ARG A 106 12.95 4.12 15.29
C ARG A 106 12.84 4.61 13.86
N VAL A 107 12.14 5.73 13.67
CA VAL A 107 11.78 6.21 12.33
C VAL A 107 12.22 7.66 12.19
N ASN A 108 12.90 7.97 11.08
CA ASN A 108 13.17 9.35 10.72
C ASN A 108 12.60 9.65 9.34
N HIS A 109 12.17 10.89 9.17
CA HIS A 109 11.45 11.33 7.98
C HIS A 109 11.54 12.84 7.96
N VAL A 110 11.36 13.43 6.77
CA VAL A 110 11.49 14.89 6.65
C VAL A 110 10.47 15.61 7.54
N THR A 111 9.32 14.98 7.83
CA THR A 111 8.28 15.60 8.65
C THR A 111 8.60 15.59 10.14
N LEU A 112 9.71 14.97 10.55
CA LEU A 112 10.09 14.84 11.95
C LEU A 112 11.35 15.66 12.23
N SER A 113 11.39 16.30 13.40
CA SER A 113 12.54 17.09 13.81
C SER A 113 13.53 16.30 14.66
N GLN A 114 13.15 15.10 15.08
CA GLN A 114 14.00 14.13 15.76
C GLN A 114 13.44 12.77 15.43
N PRO A 115 14.26 11.71 15.45
CA PRO A 115 13.74 10.36 15.22
C PRO A 115 12.69 10.00 16.26
N LYS A 116 11.62 9.38 15.77
CA LYS A 116 10.51 8.96 16.60
C LYS A 116 10.69 7.49 16.97
N ILE A 117 10.56 7.18 18.26
CA ILE A 117 10.72 5.82 18.78
C ILE A 117 9.38 5.33 19.30
N VAL A 118 8.97 4.14 18.89
CA VAL A 118 7.79 3.48 19.47
C VAL A 118 8.16 2.04 19.82
N LYS A 119 7.86 1.63 21.05
CA LYS A 119 8.29 0.34 21.59
C LYS A 119 7.32 -0.77 21.24
N TRP A 120 7.83 -2.00 21.25
CA TRP A 120 6.96 -3.18 21.11
C TRP A 120 6.26 -3.38 22.44
N ASP A 121 5.03 -2.89 22.53
CA ASP A 121 4.20 -3.02 23.73
C ASP A 121 3.29 -4.22 23.53
N ARG A 122 3.68 -5.37 24.06
CA ARG A 122 2.94 -6.59 23.78
C ARG A 122 1.56 -6.62 24.44
N ASP A 123 1.23 -5.65 25.29
CA ASP A 123 -0.05 -5.61 26.00
C ASP A 123 -0.31 -6.91 26.74
N GLY A 145 -14.50 -14.17 -4.89
CA GLY A 145 -15.34 -13.43 -5.81
C GLY A 145 -14.56 -12.64 -6.84
N SER A 146 -14.44 -11.34 -6.60
CA SER A 146 -13.79 -10.46 -7.56
C SER A 146 -12.32 -10.28 -7.23
N HIS A 147 -11.57 -9.84 -8.23
CA HIS A 147 -10.12 -9.75 -8.10
C HIS A 147 -9.64 -8.53 -8.84
N SER A 148 -8.43 -8.09 -8.48
CA SER A 148 -7.86 -6.93 -9.12
C SER A 148 -6.40 -7.20 -9.46
N MET A 149 -5.91 -6.52 -10.49
CA MET A 149 -4.48 -6.43 -10.74
C MET A 149 -4.09 -4.97 -10.74
N ARG A 150 -2.96 -4.65 -10.12
CA ARG A 150 -2.49 -3.27 -10.08
C ARG A 150 -0.99 -3.25 -10.30
N TYR A 151 -0.53 -2.28 -11.08
CA TYR A 151 0.88 -1.92 -11.09
C TYR A 151 1.02 -0.52 -10.51
N PHE A 152 1.99 -0.36 -9.62
CA PHE A 152 2.29 0.90 -8.95
C PHE A 152 3.69 1.36 -9.33
N TYR A 153 3.82 2.62 -9.70
CA TYR A 153 5.11 3.19 -10.09
C TYR A 153 5.42 4.40 -9.22
N THR A 154 6.66 4.49 -8.74
CA THR A 154 7.13 5.67 -8.05
C THR A 154 8.45 6.13 -8.65
N SER A 155 8.51 7.37 -9.14
CA SER A 155 9.76 7.99 -9.58
C SER A 155 10.02 9.22 -8.74
N VAL A 156 11.24 9.34 -8.22
CA VAL A 156 11.60 10.43 -7.34
C VAL A 156 12.89 11.04 -7.86
N SER A 157 12.85 12.32 -8.22
CA SER A 157 14.11 12.93 -8.63
C SER A 157 15.02 13.12 -7.42
N ARG A 158 16.32 13.10 -7.66
CA ARG A 158 17.30 13.35 -6.61
C ARG A 158 18.35 14.29 -7.17
N PRO A 159 18.07 15.59 -7.15
CA PRO A 159 18.98 16.57 -7.74
C PRO A 159 20.35 16.47 -7.11
N GLY A 160 21.37 16.50 -7.96
CA GLY A 160 22.75 16.41 -7.52
C GLY A 160 23.20 15.03 -7.12
N ARG A 161 22.35 14.00 -7.30
CA ARG A 161 22.63 12.66 -6.83
C ARG A 161 22.23 11.62 -7.86
N GLY A 162 22.37 11.97 -9.14
CA GLY A 162 22.16 11.01 -10.20
C GLY A 162 20.74 11.09 -10.74
N GLU A 163 20.34 10.04 -11.43
CA GLU A 163 19.04 9.95 -12.08
C GLU A 163 17.95 9.66 -11.06
N PRO A 164 16.68 9.95 -11.38
CA PRO A 164 15.61 9.63 -10.43
C PRO A 164 15.58 8.16 -10.05
N ARG A 165 15.14 7.91 -8.82
CA ARG A 165 14.88 6.55 -8.34
C ARG A 165 13.55 6.09 -8.91
N PHE A 166 13.53 4.93 -9.58
CA PHE A 166 12.30 4.36 -10.15
C PHE A 166 12.06 3.00 -9.49
N ILE A 167 10.91 2.83 -8.84
CA ILE A 167 10.54 1.56 -8.24
C ILE A 167 9.13 1.24 -8.68
N SER A 168 8.90 0.02 -9.15
CA SER A 168 7.56 -0.38 -9.55
C SER A 168 7.28 -1.78 -9.03
N VAL A 169 6.04 -2.00 -8.57
CA VAL A 169 5.64 -3.31 -8.10
C VAL A 169 4.31 -3.66 -8.73
N GLY A 170 4.05 -4.95 -8.88
CA GLY A 170 2.78 -5.45 -9.39
C GLY A 170 2.12 -6.31 -8.33
N TYR A 171 0.79 -6.18 -8.22
CA TYR A 171 -0.02 -6.92 -7.26
C TYR A 171 -1.19 -7.60 -7.97
N VAL A 172 -1.56 -8.80 -7.51
CA VAL A 172 -2.88 -9.37 -7.74
C VAL A 172 -3.56 -9.37 -6.38
N ASP A 173 -4.68 -8.66 -6.28
CA ASP A 173 -5.28 -8.39 -4.98
C ASP A 173 -4.23 -7.86 -4.03
N ASP A 174 -4.00 -8.52 -2.89
CA ASP A 174 -3.01 -8.05 -1.92
C ASP A 174 -1.74 -8.87 -1.95
N THR A 175 -1.47 -9.51 -3.08
CA THR A 175 -0.31 -10.39 -3.24
C THR A 175 0.63 -9.75 -4.25
N GLN A 176 1.79 -9.30 -3.79
CA GLN A 176 2.78 -8.79 -4.71
C GLN A 176 3.34 -9.94 -5.55
N PHE A 177 3.51 -9.73 -6.85
CA PHE A 177 4.10 -10.78 -7.67
C PHE A 177 5.31 -10.35 -8.51
N VAL A 178 5.58 -9.06 -8.70
CA VAL A 178 6.79 -8.61 -9.37
C VAL A 178 7.30 -7.31 -8.75
N ARG A 179 8.60 -7.07 -8.92
CA ARG A 179 9.16 -5.76 -8.59
C ARG A 179 10.21 -5.38 -9.63
N PHE A 180 10.34 -4.08 -9.85
CA PHE A 180 11.44 -3.54 -10.63
C PHE A 180 12.03 -2.40 -9.83
N ASP A 181 13.36 -2.39 -9.67
CA ASP A 181 14.03 -1.30 -8.96
C ASP A 181 15.20 -0.81 -9.81
N SER A 182 15.16 0.46 -10.22
CA SER A 182 16.23 1.02 -11.05
C SER A 182 17.57 1.08 -10.33
N ASP A 183 17.60 0.92 -9.01
CA ASP A 183 18.86 0.94 -8.26
C ASP A 183 19.45 -0.45 -8.07
N ALA A 184 18.74 -1.50 -8.48
CA ALA A 184 19.28 -2.85 -8.40
C ALA A 184 20.58 -2.94 -9.21
N ALA A 185 21.41 -3.93 -8.87
CA ALA A 185 22.66 -4.11 -9.60
C ALA A 185 22.39 -4.38 -11.08
N SER A 186 21.35 -5.17 -11.37
CA SER A 186 20.91 -5.44 -12.74
C SER A 186 19.40 -5.22 -12.76
N PRO A 187 18.95 -3.99 -12.98
CA PRO A 187 17.50 -3.73 -12.98
C PRO A 187 16.77 -4.64 -13.95
N ARG A 188 15.76 -5.31 -13.42
CA ARG A 188 14.98 -6.25 -14.22
C ARG A 188 13.65 -6.45 -13.52
N GLU A 189 12.65 -6.86 -14.29
CA GLU A 189 11.43 -7.36 -13.67
C GLU A 189 11.78 -8.66 -12.92
N GLU A 190 11.53 -8.68 -11.62
CA GLU A 190 11.90 -9.80 -10.75
C GLU A 190 10.66 -10.46 -10.18
N PRO A 191 10.58 -11.80 -10.17
CA PRO A 191 9.43 -12.47 -9.54
C PRO A 191 9.43 -12.28 -8.03
N ARG A 192 8.22 -12.17 -7.47
CA ARG A 192 8.03 -12.04 -6.03
C ARG A 192 6.94 -12.96 -5.50
N ALA A 193 6.36 -13.81 -6.35
CA ALA A 193 5.40 -14.82 -5.92
C ALA A 193 5.70 -16.11 -6.68
N PRO A 194 5.51 -17.26 -6.05
CA PRO A 194 5.95 -18.50 -6.70
C PRO A 194 5.20 -18.81 -7.99
N TRP A 195 3.93 -18.40 -8.14
CA TRP A 195 3.16 -18.77 -9.32
C TRP A 195 3.54 -17.97 -10.55
N ILE A 196 4.33 -16.89 -10.42
CA ILE A 196 4.77 -16.15 -11.60
C ILE A 196 6.06 -16.71 -12.16
N GLU A 197 6.76 -17.59 -11.43
CA GLU A 197 8.08 -18.02 -11.87
C GLU A 197 8.00 -18.86 -13.15
N GLN A 198 6.85 -19.45 -13.44
CA GLN A 198 6.71 -20.33 -14.60
C GLN A 198 6.66 -19.56 -15.93
N GLU A 199 6.41 -18.24 -15.91
CA GLU A 199 6.43 -17.48 -17.14
C GLU A 199 7.79 -17.58 -17.82
N GLY A 200 7.77 -17.67 -19.15
CA GLY A 200 8.99 -17.89 -19.91
C GLY A 200 9.81 -16.62 -20.06
N PRO A 201 10.96 -16.77 -20.74
CA PRO A 201 11.90 -15.65 -20.83
C PRO A 201 11.36 -14.48 -21.64
N GLU A 202 10.53 -14.72 -22.65
CA GLU A 202 9.92 -13.61 -23.39
C GLU A 202 9.07 -12.74 -22.47
N TYR A 203 8.43 -13.33 -21.46
CA TYR A 203 7.68 -12.53 -20.49
C TYR A 203 8.60 -11.61 -19.68
N TRP A 204 9.67 -12.16 -19.13
CA TRP A 204 10.60 -11.36 -18.33
C TRP A 204 11.29 -10.31 -19.19
N ASP A 205 11.67 -10.68 -20.43
CA ASP A 205 12.29 -9.71 -21.33
C ASP A 205 11.33 -8.56 -21.65
N ARG A 206 10.09 -8.88 -22.01
CA ARG A 206 9.15 -7.85 -22.41
C ARG A 206 8.87 -6.90 -21.25
N ASN A 207 8.58 -7.46 -20.08
CA ASN A 207 8.23 -6.59 -18.97
C ASN A 207 9.43 -5.83 -18.43
N THR A 208 10.64 -6.40 -18.51
CA THR A 208 11.82 -5.63 -18.18
C THR A 208 11.97 -4.44 -19.12
N GLN A 209 11.74 -4.66 -20.42
CA GLN A 209 11.85 -3.56 -21.38
C GLN A 209 10.85 -2.47 -21.08
N ILE A 210 9.59 -2.85 -20.79
CA ILE A 210 8.57 -1.86 -20.51
C ILE A 210 8.96 -1.02 -19.30
N CYS A 211 9.51 -1.65 -18.26
CA CYS A 211 9.97 -0.90 -17.09
C CYS A 211 11.12 0.05 -17.45
N LYS A 212 12.11 -0.45 -18.18
CA LYS A 212 13.26 0.40 -18.51
C LYS A 212 12.80 1.59 -19.34
N THR A 213 11.90 1.36 -20.29
CA THR A 213 11.34 2.47 -21.07
C THR A 213 10.53 3.42 -20.19
N ASN A 214 9.67 2.89 -19.33
CA ASN A 214 8.89 3.76 -18.43
C ASN A 214 9.79 4.57 -17.49
N THR A 215 10.96 4.02 -17.12
CA THR A 215 11.93 4.77 -16.33
C THR A 215 12.29 6.08 -17.03
N GLN A 216 12.55 6.00 -18.33
CA GLN A 216 12.95 7.18 -19.10
C GLN A 216 11.77 8.11 -19.33
N THR A 217 10.60 7.54 -19.58
CA THR A 217 9.38 8.34 -19.72
C THR A 217 9.12 9.15 -18.46
N ASP A 218 9.25 8.52 -17.29
CA ASP A 218 9.05 9.23 -16.03
C ASP A 218 10.09 10.33 -15.84
N ARG A 219 11.33 10.10 -16.28
CA ARG A 219 12.34 11.14 -16.20
C ARG A 219 11.91 12.36 -17.00
N GLU A 220 11.35 12.14 -18.20
CA GLU A 220 10.87 13.25 -19.00
C GLU A 220 9.64 13.90 -18.36
N SER A 221 8.76 13.08 -17.78
CA SER A 221 7.60 13.67 -17.11
C SER A 221 8.04 14.58 -15.97
N LEU A 222 8.96 14.09 -15.13
CA LEU A 222 9.46 14.92 -14.03
C LEU A 222 10.05 16.22 -14.55
N ARG A 223 10.85 16.15 -15.62
CA ARG A 223 11.40 17.39 -16.19
C ARG A 223 10.30 18.34 -16.66
N ASN A 224 9.30 17.81 -17.38
CA ASN A 224 8.26 18.65 -17.94
C ASN A 224 7.42 19.30 -16.83
N LEU A 225 7.11 18.52 -15.79
CA LEU A 225 6.32 19.01 -14.67
C LEU A 225 7.03 20.11 -13.91
N ARG A 226 8.34 19.93 -13.66
CA ARG A 226 9.10 21.00 -13.03
C ARG A 226 9.00 22.29 -13.81
N GLY A 227 9.08 22.20 -15.14
CA GLY A 227 8.93 23.40 -15.95
C GLY A 227 7.55 24.00 -15.85
N CYS A 228 6.51 23.15 -15.85
CA CYS A 228 5.14 23.64 -15.77
C CYS A 228 4.87 24.45 -14.51
N TYR A 229 5.50 24.10 -13.39
CA TYR A 229 5.28 24.80 -12.14
C TYR A 229 6.40 25.78 -11.80
N ASN A 230 7.27 26.09 -12.76
CA ASN A 230 8.38 27.02 -12.54
C ASN A 230 9.22 26.60 -11.33
N GLN A 231 9.43 25.30 -11.19
CA GLN A 231 10.15 24.77 -10.04
C GLN A 231 11.64 24.63 -10.35
N SER A 232 12.46 24.80 -9.33
CA SER A 232 13.91 24.77 -9.48
CA SER A 232 13.90 24.77 -9.51
C SER A 232 14.40 23.34 -9.71
N GLU A 233 15.46 23.21 -10.51
CA GLU A 233 16.06 21.88 -10.65
C GLU A 233 16.79 21.42 -9.38
N ALA A 234 16.89 22.26 -8.35
CA ALA A 234 17.55 21.87 -7.11
C ALA A 234 16.68 21.03 -6.19
N GLY A 235 15.38 20.92 -6.44
CA GLY A 235 14.45 20.27 -5.52
C GLY A 235 14.00 18.90 -6.00
N SER A 236 13.71 18.01 -5.04
CA SER A 236 13.20 16.68 -5.32
C SER A 236 11.69 16.70 -5.49
N HIS A 237 11.20 15.93 -6.46
CA HIS A 237 9.76 15.80 -6.71
C HIS A 237 9.44 14.36 -7.00
N THR A 238 8.15 14.03 -6.90
CA THR A 238 7.68 12.65 -6.96
C THR A 238 6.61 12.53 -8.02
N TRP A 239 6.73 11.53 -8.87
CA TRP A 239 5.74 11.23 -9.90
C TRP A 239 5.29 9.79 -9.70
N GLN A 240 4.00 9.59 -9.42
CA GLN A 240 3.48 8.25 -9.14
C GLN A 240 2.44 7.90 -10.17
N THR A 241 2.37 6.62 -10.54
CA THR A 241 1.43 6.13 -11.53
C THR A 241 0.81 4.85 -11.02
N MET A 242 -0.48 4.65 -11.25
CA MET A 242 -1.09 3.35 -11.03
C MET A 242 -1.94 3.01 -12.22
N TYR A 243 -2.01 1.72 -12.55
CA TYR A 243 -3.02 1.27 -13.49
C TYR A 243 -3.37 -0.16 -13.21
N GLY A 244 -4.48 -0.62 -13.79
CA GLY A 244 -4.89 -2.00 -13.55
C GLY A 244 -6.37 -2.17 -13.80
N CYS A 245 -6.83 -3.39 -13.50
CA CYS A 245 -8.17 -3.80 -13.86
C CYS A 245 -8.76 -4.61 -12.73
N ASP A 246 -10.09 -4.59 -12.63
CA ASP A 246 -10.84 -5.42 -11.70
C ASP A 246 -11.69 -6.38 -12.52
N VAL A 247 -11.78 -7.66 -12.09
CA VAL A 247 -12.65 -8.63 -12.78
C VAL A 247 -13.62 -9.23 -11.78
N GLY A 248 -14.78 -9.66 -12.29
CA GLY A 248 -15.73 -10.37 -11.45
C GLY A 248 -15.40 -11.84 -11.35
N PRO A 249 -16.29 -12.56 -10.65
CA PRO A 249 -16.05 -14.01 -10.46
C PRO A 249 -16.04 -14.80 -11.75
N ASP A 250 -16.74 -14.31 -12.76
CA ASP A 250 -16.81 -14.87 -14.10
C ASP A 250 -15.65 -14.44 -14.99
N GLY A 251 -14.82 -13.51 -14.54
CA GLY A 251 -13.71 -13.04 -15.33
C GLY A 251 -13.96 -11.79 -16.16
N ARG A 252 -15.16 -11.25 -16.18
CA ARG A 252 -15.37 -10.08 -17.01
C ARG A 252 -14.79 -8.82 -16.35
N LEU A 253 -14.36 -7.88 -17.19
CA LEU A 253 -13.88 -6.60 -16.70
C LEU A 253 -14.97 -5.84 -15.98
N LEU A 254 -14.71 -5.48 -14.72
CA LEU A 254 -15.59 -4.65 -13.92
C LEU A 254 -15.26 -3.18 -14.08
N ARG A 255 -13.98 -2.83 -14.03
CA ARG A 255 -13.57 -1.51 -14.45
C ARG A 255 -12.05 -1.46 -14.56
N GLY A 256 -11.57 -0.44 -15.25
CA GLY A 256 -10.16 -0.22 -15.40
C GLY A 256 -9.76 1.07 -14.74
N HIS A 257 -8.45 1.21 -14.48
CA HIS A 257 -7.92 2.32 -13.72
C HIS A 257 -6.63 2.78 -14.37
N ASN A 258 -6.41 4.09 -14.38
CA ASN A 258 -5.08 4.64 -14.67
C ASN A 258 -5.02 6.06 -14.13
N GLN A 259 -4.15 6.28 -13.15
CA GLN A 259 -4.12 7.54 -12.42
C GLN A 259 -2.68 7.97 -12.25
N PHE A 260 -2.45 9.28 -12.23
CA PHE A 260 -1.12 9.85 -12.03
C PHE A 260 -1.18 10.92 -10.94
N ALA A 261 -0.09 11.02 -10.16
CA ALA A 261 0.02 11.99 -9.10
C ALA A 261 1.39 12.65 -9.13
N TYR A 262 1.41 13.95 -8.90
CA TYR A 262 2.64 14.72 -8.77
C TYR A 262 2.70 15.27 -7.35
N ASP A 263 3.83 15.03 -6.70
CA ASP A 263 4.11 15.47 -5.33
C ASP A 263 2.96 15.17 -4.37
N GLY A 264 2.42 13.96 -4.50
CA GLY A 264 1.50 13.44 -3.51
C GLY A 264 0.05 13.82 -3.70
N LYS A 265 -0.30 14.46 -4.82
CA LYS A 265 -1.68 14.84 -5.11
C LYS A 265 -2.05 14.41 -6.53
N ASP A 266 -3.35 14.17 -6.73
CA ASP A 266 -3.86 13.85 -8.06
C ASP A 266 -3.35 14.86 -9.08
N TYR A 267 -2.93 14.35 -10.23
CA TYR A 267 -2.56 15.18 -11.38
C TYR A 267 -3.50 14.96 -12.55
N ILE A 268 -3.62 13.74 -13.06
CA ILE A 268 -4.57 13.44 -14.13
C ILE A 268 -5.00 11.99 -13.99
N ALA A 269 -6.27 11.73 -14.30
CA ALA A 269 -6.77 10.36 -14.14
C ALA A 269 -7.63 10.01 -15.33
N LEU A 270 -7.55 8.74 -15.76
CA LEU A 270 -8.47 8.21 -16.74
C LEU A 270 -9.83 7.98 -16.10
N ASN A 271 -10.87 8.48 -16.75
CA ASN A 271 -12.21 8.31 -16.21
C ASN A 271 -12.70 6.87 -16.38
N GLU A 272 -13.77 6.54 -15.66
CA GLU A 272 -14.28 5.17 -15.70
C GLU A 272 -14.70 4.76 -17.11
N ASP A 273 -15.13 5.70 -17.95
CA ASP A 273 -15.49 5.34 -19.32
C ASP A 273 -14.29 4.95 -20.17
N LEU A 274 -13.06 5.09 -19.65
CA LEU A 274 -11.83 4.74 -20.36
C LEU A 274 -11.72 5.47 -21.69
N SER A 275 -12.32 6.66 -21.78
CA SER A 275 -12.40 7.45 -23.01
C SER A 275 -12.17 8.93 -22.78
N SER A 276 -12.01 9.36 -21.53
CA SER A 276 -11.89 10.78 -21.21
C SER A 276 -11.04 10.89 -19.95
N TRP A 277 -10.56 12.11 -19.70
CA TRP A 277 -9.63 12.36 -18.62
C TRP A 277 -10.22 13.39 -17.65
N THR A 278 -9.78 13.31 -16.41
CA THR A 278 -10.00 14.34 -15.40
C THR A 278 -8.64 14.93 -15.00
N ALA A 279 -8.46 16.22 -15.27
CA ALA A 279 -7.20 16.91 -15.01
C ALA A 279 -7.36 17.83 -13.79
N ALA A 280 -6.40 17.74 -12.87
CA ALA A 280 -6.52 18.46 -11.59
C ALA A 280 -6.30 19.97 -11.72
N ASP A 281 -5.52 20.44 -12.69
CA ASP A 281 -5.26 21.88 -12.77
C ASP A 281 -4.86 22.27 -14.20
N THR A 282 -4.45 23.53 -14.37
CA THR A 282 -4.14 24.06 -15.69
C THR A 282 -3.02 23.28 -16.36
N ALA A 283 -1.94 22.99 -15.61
CA ALA A 283 -0.84 22.23 -16.18
C ALA A 283 -1.30 20.86 -16.64
N ALA A 284 -2.07 20.18 -15.81
CA ALA A 284 -2.58 18.86 -16.18
C ALA A 284 -3.50 18.93 -17.39
N GLN A 285 -4.19 20.06 -17.58
CA GLN A 285 -5.02 20.22 -18.77
C GLN A 285 -4.18 20.25 -20.04
N ILE A 286 -2.95 20.75 -19.95
CA ILE A 286 -2.05 20.71 -21.08
C ILE A 286 -1.67 19.27 -21.41
N THR A 287 -1.40 18.47 -20.39
CA THR A 287 -1.20 17.04 -20.61
C THR A 287 -2.45 16.40 -21.20
N GLN A 288 -3.61 16.77 -20.67
CA GLN A 288 -4.86 16.21 -21.18
C GLN A 288 -4.99 16.45 -22.67
N ARG A 289 -4.80 17.69 -23.11
CA ARG A 289 -4.92 18.02 -24.53
C ARG A 289 -3.91 17.24 -25.37
N LYS A 290 -2.70 17.07 -24.86
CA LYS A 290 -1.70 16.31 -25.59
C LYS A 290 -2.09 14.84 -25.70
N TRP A 291 -2.55 14.25 -24.60
CA TRP A 291 -2.93 12.84 -24.62
C TRP A 291 -4.21 12.59 -25.41
N GLU A 292 -5.10 13.58 -25.47
CA GLU A 292 -6.25 13.46 -26.35
C GLU A 292 -5.83 13.44 -27.80
N ALA A 293 -4.90 14.33 -28.19
CA ALA A 293 -4.46 14.37 -29.58
C ALA A 293 -3.75 13.09 -29.98
N ALA A 294 -2.98 12.50 -29.05
CA ALA A 294 -2.24 11.27 -29.28
C ALA A 294 -3.08 10.01 -29.04
N ARG A 295 -4.36 10.15 -28.70
CA ARG A 295 -5.27 9.00 -28.52
C ARG A 295 -4.77 8.04 -27.44
N VAL A 296 -4.19 8.60 -26.38
CA VAL A 296 -3.66 7.77 -25.29
C VAL A 296 -4.77 6.96 -24.63
N ALA A 297 -5.93 7.58 -24.40
CA ALA A 297 -7.01 6.83 -23.74
C ALA A 297 -7.43 5.61 -24.53
N GLU A 298 -7.42 5.71 -25.87
CA GLU A 298 -7.80 4.56 -26.70
C GLU A 298 -6.79 3.43 -26.53
N GLN A 299 -5.51 3.75 -26.44
CA GLN A 299 -4.50 2.71 -26.24
C GLN A 299 -4.62 2.08 -24.86
N LEU A 300 -4.93 2.88 -23.85
CA LEU A 300 -5.08 2.31 -22.52
CA LEU A 300 -5.11 2.35 -22.51
C LEU A 300 -6.36 1.49 -22.42
N ARG A 301 -7.44 1.93 -23.07
CA ARG A 301 -8.64 1.11 -23.08
C ARG A 301 -8.37 -0.26 -23.70
N THR A 302 -7.65 -0.28 -24.82
CA THR A 302 -7.31 -1.54 -25.47
C THR A 302 -6.53 -2.45 -24.52
N TYR A 303 -5.57 -1.88 -23.80
CA TYR A 303 -4.81 -2.65 -22.83
C TYR A 303 -5.70 -3.16 -21.70
N LEU A 304 -6.52 -2.27 -21.11
CA LEU A 304 -7.29 -2.64 -19.93
C LEU A 304 -8.34 -3.70 -20.24
N GLU A 305 -8.97 -3.61 -21.42
CA GLU A 305 -9.99 -4.57 -21.82
C GLU A 305 -9.39 -5.86 -22.39
N GLY A 306 -8.13 -5.84 -22.78
CA GLY A 306 -7.52 -7.01 -23.39
C GLY A 306 -6.44 -7.60 -22.51
N THR A 307 -5.20 -7.17 -22.76
CA THR A 307 -4.04 -7.69 -22.03
C THR A 307 -4.27 -7.78 -20.52
N CYS A 308 -4.76 -6.69 -19.91
CA CYS A 308 -4.86 -6.65 -18.45
C CYS A 308 -5.77 -7.76 -17.93
N VAL A 309 -7.00 -7.83 -18.44
CA VAL A 309 -7.95 -8.84 -17.96
C VAL A 309 -7.46 -10.24 -18.32
N GLU A 310 -6.87 -10.39 -19.49
CA GLU A 310 -6.42 -11.71 -19.94
C GLU A 310 -5.31 -12.25 -19.04
N TRP A 311 -4.31 -11.41 -18.74
CA TRP A 311 -3.24 -11.86 -17.86
C TRP A 311 -3.72 -12.06 -16.43
N LEU A 312 -4.59 -11.17 -15.93
CA LEU A 312 -5.12 -11.37 -14.58
C LEU A 312 -5.82 -12.72 -14.47
N ARG A 313 -6.64 -13.05 -15.47
CA ARG A 313 -7.31 -14.35 -15.46
C ARG A 313 -6.30 -15.48 -15.45
N ARG A 314 -5.23 -15.33 -16.22
CA ARG A 314 -4.15 -16.33 -16.23
C ARG A 314 -3.51 -16.45 -14.85
N TYR A 315 -3.14 -15.33 -14.23
CA TYR A 315 -2.52 -15.38 -12.90
C TYR A 315 -3.42 -16.04 -11.88
N LEU A 316 -4.72 -15.71 -11.91
CA LEU A 316 -5.66 -16.29 -10.95
C LEU A 316 -5.71 -17.81 -11.07
N GLU A 317 -5.59 -18.32 -12.29
CA GLU A 317 -5.63 -19.77 -12.48
C GLU A 317 -4.32 -20.42 -12.05
N ASN A 318 -3.19 -19.81 -12.42
CA ASN A 318 -1.90 -20.38 -12.07
C ASN A 318 -1.66 -20.32 -10.56
N GLY A 319 -2.12 -19.24 -9.92
CA GLY A 319 -1.97 -19.13 -8.48
C GLY A 319 -3.21 -19.46 -7.66
N LYS A 320 -4.13 -20.27 -8.20
CA LYS A 320 -5.45 -20.41 -7.59
C LYS A 320 -5.36 -20.91 -6.15
N GLU A 321 -4.41 -21.79 -5.85
CA GLU A 321 -4.33 -22.39 -4.51
C GLU A 321 -4.17 -21.33 -3.43
N THR A 322 -3.52 -20.21 -3.75
CA THR A 322 -3.37 -19.11 -2.81
C THR A 322 -4.22 -17.89 -3.16
N LEU A 323 -4.25 -17.49 -4.43
CA LEU A 323 -4.96 -16.26 -4.80
C LEU A 323 -6.47 -16.39 -4.65
N GLN A 324 -7.02 -17.58 -4.80
CA GLN A 324 -8.47 -17.75 -4.74
C GLN A 324 -8.90 -18.47 -3.46
N ARG A 325 -8.08 -18.39 -2.42
CA ARG A 325 -8.40 -18.90 -1.09
C ARG A 325 -8.44 -17.71 -0.14
N ALA A 326 -9.61 -17.43 0.43
CA ALA A 326 -9.75 -16.36 1.41
C ALA A 326 -9.54 -16.95 2.80
N ASP A 327 -8.68 -16.30 3.60
CA ASP A 327 -8.46 -16.73 4.98
C ASP A 327 -9.29 -15.87 5.90
N PRO A 328 -10.25 -16.44 6.63
CA PRO A 328 -11.08 -15.65 7.54
C PRO A 328 -10.27 -15.16 8.73
N PRO A 329 -10.69 -14.07 9.36
CA PRO A 329 -9.95 -13.57 10.52
C PRO A 329 -10.17 -14.43 11.75
N LYS A 330 -9.11 -14.54 12.54
CA LYS A 330 -9.19 -15.04 13.90
C LYS A 330 -9.43 -13.84 14.81
N THR A 331 -10.52 -13.86 15.57
CA THR A 331 -10.98 -12.66 16.26
C THR A 331 -11.07 -12.88 17.76
N HIS A 332 -10.79 -11.82 18.52
CA HIS A 332 -10.98 -11.83 19.97
C HIS A 332 -11.04 -10.40 20.46
N VAL A 333 -11.56 -10.22 21.68
CA VAL A 333 -11.73 -8.91 22.28
C VAL A 333 -10.92 -8.85 23.56
N THR A 334 -10.20 -7.75 23.76
CA THR A 334 -9.46 -7.52 24.99
C THR A 334 -10.01 -6.30 25.72
N HIS A 335 -9.78 -6.29 27.03
CA HIS A 335 -10.29 -5.27 27.94
C HIS A 335 -9.10 -4.51 28.51
N HIS A 336 -9.18 -3.18 28.49
CA HIS A 336 -8.06 -2.33 28.88
C HIS A 336 -8.57 -1.20 29.76
N PRO A 337 -8.48 -1.35 31.10
CA PRO A 337 -9.02 -0.33 32.00
C PRO A 337 -8.19 0.95 31.93
N ILE A 338 -8.86 2.09 31.84
CA ILE A 338 -8.21 3.39 31.79
C ILE A 338 -8.45 4.18 33.08
N SER A 339 -9.67 4.16 33.59
CA SER A 339 -10.01 4.89 34.80
C SER A 339 -11.00 4.06 35.60
N ASP A 340 -11.57 4.67 36.64
CA ASP A 340 -12.70 4.07 37.34
C ASP A 340 -13.88 3.90 36.40
N HIS A 341 -14.39 5.03 35.89
CA HIS A 341 -15.63 5.11 35.14
C HIS A 341 -15.47 4.78 33.66
N GLU A 342 -14.36 4.15 33.24
CA GLU A 342 -14.12 3.96 31.82
C GLU A 342 -13.10 2.86 31.58
N ALA A 343 -13.20 2.23 30.41
CA ALA A 343 -12.25 1.23 29.96
C ALA A 343 -12.30 1.16 28.44
N THR A 344 -11.25 0.58 27.87
CA THR A 344 -11.14 0.42 26.41
C THR A 344 -11.33 -1.05 26.05
N LEU A 345 -12.25 -1.30 25.14
CA LEU A 345 -12.41 -2.62 24.52
C LEU A 345 -11.75 -2.58 23.16
N ARG A 346 -10.92 -3.58 22.86
CA ARG A 346 -10.21 -3.66 21.60
C ARG A 346 -10.63 -4.94 20.89
N CYS A 347 -11.12 -4.80 19.67
CA CYS A 347 -11.55 -5.93 18.86
C CYS A 347 -10.44 -6.25 17.87
N TRP A 348 -9.94 -7.49 17.92
CA TRP A 348 -8.79 -7.92 17.14
C TRP A 348 -9.22 -8.84 16.00
N ALA A 349 -8.61 -8.64 14.83
CA ALA A 349 -8.73 -9.56 13.69
C ALA A 349 -7.33 -9.92 13.22
N LEU A 350 -7.04 -11.21 13.16
CA LEU A 350 -5.68 -11.66 12.81
C LEU A 350 -5.72 -12.74 11.74
N GLY A 351 -4.66 -12.79 10.95
CA GLY A 351 -4.45 -13.88 10.01
C GLY A 351 -5.42 -13.95 8.86
N PHE A 352 -5.97 -12.80 8.41
CA PHE A 352 -6.93 -12.82 7.33
C PHE A 352 -6.33 -12.39 5.99
N TYR A 353 -6.94 -12.88 4.91
CA TYR A 353 -6.55 -12.58 3.52
C TYR A 353 -7.83 -12.67 2.71
N PRO A 354 -8.14 -11.67 1.85
CA PRO A 354 -7.34 -10.48 1.54
C PRO A 354 -7.46 -9.42 2.62
N ALA A 355 -6.87 -8.25 2.37
CA ALA A 355 -6.73 -7.26 3.44
C ALA A 355 -8.03 -6.55 3.75
N GLU A 356 -8.96 -6.49 2.78
CA GLU A 356 -10.20 -5.76 3.01
C GLU A 356 -10.98 -6.36 4.16
N ILE A 357 -11.33 -5.52 5.13
CA ILE A 357 -12.09 -5.95 6.31
C ILE A 357 -12.79 -4.72 6.88
N THR A 358 -13.90 -4.96 7.58
CA THR A 358 -14.62 -3.89 8.27
C THR A 358 -14.84 -4.34 9.71
N LEU A 359 -14.30 -3.57 10.66
CA LEU A 359 -14.56 -3.76 12.07
C LEU A 359 -15.40 -2.58 12.58
N THR A 360 -16.48 -2.89 13.29
CA THR A 360 -17.34 -1.85 13.82
C THR A 360 -17.80 -2.23 15.23
N TRP A 361 -17.73 -1.27 16.15
CA TRP A 361 -18.30 -1.47 17.48
C TRP A 361 -19.73 -0.94 17.49
N GLN A 362 -20.61 -1.66 18.19
CA GLN A 362 -21.98 -1.24 18.38
C GLN A 362 -22.31 -1.25 19.86
N ARG A 363 -23.17 -0.32 20.27
CA ARG A 363 -23.80 -0.33 21.58
C ARG A 363 -25.29 -0.58 21.38
N ASP A 364 -25.79 -1.66 21.98
CA ASP A 364 -27.17 -2.10 21.73
C ASP A 364 -27.42 -2.24 20.23
N GLY A 365 -26.41 -2.72 19.51
CA GLY A 365 -26.51 -2.97 18.08
C GLY A 365 -26.37 -1.74 17.20
N GLU A 366 -26.19 -0.55 17.77
CA GLU A 366 -26.12 0.69 17.00
C GLU A 366 -24.65 1.08 16.83
N ASP A 367 -24.24 1.34 15.59
CA ASP A 367 -22.82 1.58 15.31
C ASP A 367 -22.32 2.79 16.08
N GLN A 368 -21.16 2.63 16.72
CA GLN A 368 -20.50 3.72 17.45
C GLN A 368 -19.46 4.38 16.54
N THR A 369 -19.97 5.02 15.49
CA THR A 369 -19.09 5.70 14.55
C THR A 369 -18.21 6.72 15.26
N GLN A 370 -18.81 7.52 16.15
CA GLN A 370 -18.12 8.66 16.73
C GLN A 370 -16.87 8.23 17.50
N ASP A 371 -16.99 7.26 18.40
CA ASP A 371 -16.00 7.07 19.45
C ASP A 371 -15.08 5.87 19.22
N THR A 372 -14.98 5.35 18.00
CA THR A 372 -14.16 4.16 17.74
C THR A 372 -12.82 4.56 17.11
N GLU A 373 -11.75 3.97 17.63
CA GLU A 373 -10.41 4.14 17.07
C GLU A 373 -10.04 2.94 16.21
N LEU A 374 -9.65 3.20 14.97
CA LEU A 374 -9.36 2.19 13.97
C LEU A 374 -7.91 2.38 13.53
N VAL A 375 -7.08 1.33 13.66
CA VAL A 375 -5.74 1.40 13.08
C VAL A 375 -5.78 0.92 11.64
N GLU A 376 -4.77 1.34 10.89
CA GLU A 376 -4.59 0.87 9.53
CA GLU A 376 -4.61 0.86 9.53
C GLU A 376 -4.34 -0.63 9.50
N THR A 377 -4.96 -1.31 8.55
CA THR A 377 -4.71 -2.73 8.36
C THR A 377 -3.23 -2.95 8.05
N ARG A 378 -2.61 -3.90 8.75
CA ARG A 378 -1.18 -4.06 8.66
C ARG A 378 -0.83 -5.48 8.25
N PRO A 379 0.24 -5.67 7.48
CA PRO A 379 0.64 -7.02 7.07
C PRO A 379 1.33 -7.75 8.21
N ALA A 380 1.01 -9.04 8.34
CA ALA A 380 1.73 -9.89 9.27
C ALA A 380 3.09 -10.32 8.75
N GLY A 381 3.30 -10.22 7.44
CA GLY A 381 4.52 -10.66 6.80
C GLY A 381 4.44 -12.02 6.15
N ASP A 382 3.37 -12.77 6.43
CA ASP A 382 3.18 -14.11 5.88
C ASP A 382 2.03 -14.18 4.87
N ARG A 383 1.72 -13.06 4.21
CA ARG A 383 0.62 -12.87 3.26
C ARG A 383 -0.65 -12.42 3.97
N THR A 384 -0.81 -12.73 5.26
CA THR A 384 -2.05 -12.34 5.94
C THR A 384 -1.92 -10.96 6.57
N PHE A 385 -3.02 -10.50 7.13
CA PHE A 385 -3.14 -9.14 7.63
C PHE A 385 -3.75 -9.14 9.03
N GLN A 386 -3.60 -7.98 9.69
CA GLN A 386 -4.08 -7.76 11.05
C GLN A 386 -4.76 -6.40 11.14
N LYS A 387 -5.68 -6.27 12.09
CA LYS A 387 -6.32 -4.99 12.34
C LYS A 387 -6.98 -5.03 13.71
N TRP A 388 -7.15 -3.87 14.31
CA TRP A 388 -7.95 -3.77 15.51
C TRP A 388 -8.75 -2.49 15.52
N ALA A 389 -9.81 -2.52 16.32
CA ALA A 389 -10.74 -1.40 16.52
C ALA A 389 -11.00 -1.27 18.01
N ALA A 390 -10.95 -0.04 18.54
CA ALA A 390 -11.06 0.21 19.96
C ALA A 390 -12.18 1.18 20.27
N VAL A 391 -12.88 0.96 21.38
CA VAL A 391 -13.91 1.88 21.83
C VAL A 391 -13.75 2.05 23.33
N VAL A 392 -14.00 3.27 23.82
CA VAL A 392 -13.92 3.56 25.24
C VAL A 392 -15.31 3.42 25.84
N VAL A 393 -15.40 2.71 26.97
CA VAL A 393 -16.72 2.35 27.49
C VAL A 393 -16.83 2.66 28.99
N PRO A 394 -17.99 3.08 29.48
CA PRO A 394 -18.21 3.10 30.93
C PRO A 394 -18.06 1.72 31.52
N SER A 395 -17.18 1.60 32.52
CA SER A 395 -16.94 0.31 33.17
C SER A 395 -18.21 -0.16 33.85
N GLY A 396 -18.47 -1.47 33.77
CA GLY A 396 -19.74 -2.04 34.16
C GLY A 396 -20.75 -2.15 33.05
N GLU A 397 -20.46 -1.57 31.88
CA GLU A 397 -21.37 -1.62 30.74
C GLU A 397 -20.71 -2.27 29.53
N GLU A 398 -19.63 -3.03 29.75
CA GLU A 398 -18.94 -3.71 28.67
C GLU A 398 -19.88 -4.63 27.90
N GLN A 399 -20.92 -5.15 28.54
CA GLN A 399 -21.77 -6.16 27.92
C GLN A 399 -22.76 -5.58 26.93
N ARG A 400 -22.96 -4.28 26.92
CA ARG A 400 -23.85 -3.70 25.92
C ARG A 400 -23.15 -3.52 24.58
N TYR A 401 -21.88 -3.92 24.46
CA TYR A 401 -21.05 -3.66 23.29
C TYR A 401 -20.64 -4.94 22.60
N THR A 402 -20.71 -4.93 21.29
CA THR A 402 -20.31 -6.06 20.48
C THR A 402 -19.48 -5.58 19.31
N CYS A 403 -18.48 -6.36 18.94
CA CYS A 403 -17.67 -6.08 17.77
C CYS A 403 -18.19 -6.85 16.58
N HIS A 404 -18.11 -6.23 15.41
CA HIS A 404 -18.81 -6.68 14.20
CA HIS A 404 -18.77 -6.77 14.23
C HIS A 404 -17.81 -6.74 13.06
N VAL A 405 -17.56 -7.94 12.53
CA VAL A 405 -16.45 -8.23 11.63
C VAL A 405 -17.02 -8.67 10.29
N GLN A 406 -16.75 -7.90 9.24
CA GLN A 406 -17.11 -8.27 7.88
C GLN A 406 -15.83 -8.62 7.12
N HIS A 407 -15.79 -9.81 6.53
CA HIS A 407 -14.65 -10.22 5.72
C HIS A 407 -15.12 -11.24 4.68
N GLU A 408 -14.45 -11.22 3.51
CA GLU A 408 -14.84 -12.07 2.40
C GLU A 408 -14.76 -13.55 2.75
N GLY A 409 -13.88 -13.92 3.68
CA GLY A 409 -13.75 -15.30 4.10
C GLY A 409 -14.79 -15.77 5.10
N LEU A 410 -15.70 -14.89 5.52
CA LEU A 410 -16.77 -15.25 6.45
C LEU A 410 -18.09 -15.23 5.70
N PRO A 411 -18.85 -16.32 5.70
CA PRO A 411 -20.17 -16.32 5.01
C PRO A 411 -21.06 -15.15 5.40
N LYS A 412 -21.10 -14.80 6.66
CA LYS A 412 -21.80 -13.59 7.05
C LYS A 412 -21.00 -12.98 8.21
N PRO A 413 -21.33 -11.80 8.72
CA PRO A 413 -20.46 -11.17 9.73
C PRO A 413 -20.38 -11.96 11.03
N LEU A 414 -19.20 -11.90 11.67
CA LEU A 414 -19.04 -12.35 13.04
C LEU A 414 -19.40 -11.22 13.99
N THR A 415 -19.95 -11.61 15.14
CA THR A 415 -20.16 -10.69 16.25
C THR A 415 -19.46 -11.27 17.48
N LEU A 416 -18.74 -10.43 18.22
CA LEU A 416 -18.05 -10.86 19.41
C LEU A 416 -18.41 -9.93 20.55
N ARG A 417 -18.39 -10.47 21.76
CA ARG A 417 -18.61 -9.73 22.99
C ARG A 417 -17.36 -9.90 23.86
N TRP A 418 -17.15 -8.96 24.79
CA TRP A 418 -16.09 -9.18 25.76
C TRP A 418 -16.54 -10.23 26.76
N GLU A 419 -15.76 -11.30 26.87
CA GLU A 419 -16.05 -12.36 27.82
C GLU A 419 -15.10 -12.21 29.01
C1 EDO B . -21.25 -15.07 15.76
O1 EDO B . -22.39 -15.28 14.95
C2 EDO B . -21.13 -16.15 16.79
O2 EDO B . -19.98 -15.93 17.59
C1 GOL C . -0.92 -15.88 -22.15
O1 GOL C . -0.23 -16.31 -23.29
C2 GOL C . -2.23 -15.21 -22.52
O2 GOL C . -2.63 -14.37 -21.47
C3 GOL C . -2.08 -14.42 -23.82
O3 GOL C . -3.09 -13.44 -23.84
CL CL D . -5.62 1.94 -0.20
#